data_4OPK
#
_entry.id   4OPK
#
_cell.length_a   98.138
_cell.length_b   66.609
_cell.length_c   77.898
_cell.angle_alpha   90.00
_cell.angle_beta   122.05
_cell.angle_gamma   90.00
#
_symmetry.space_group_name_H-M   'C 1 2 1'
#
loop_
_entity.id
_entity.type
_entity.pdbx_description
1 polymer 'Ribonuclease H'
2 polymer "5'-D(*CP*GP*CP*GP*AP*AP*(USM)P*TP*CP*GP*CP*G)-3'"
3 non-polymer GLYCEROL
4 water water
#
loop_
_entity_poly.entity_id
_entity_poly.type
_entity_poly.pdbx_seq_one_letter_code
_entity_poly.pdbx_strand_id
1 'polypeptide(L)'
;GSHMAKEEIIWESLSVDVGSQGNPGIVEYKGVDTKTGEVLFEREPIPIGTNNMGEFLAIVHGLRYLKERNSRKPIYSNSQ
TAIKWVKDKKAKSTLVRNEETALIWKLVDEAEEWLNTHTYETPILKWQTDKWGEIKADYGRK
;
A,C
2 'polydeoxyribonucleotide' (DC)(DG)(DC)(DG)(DA)(DA)(USM)(DT)(DC)(DG)(DC)(DG) B,D
#
loop_
_chem_comp.id
_chem_comp.type
_chem_comp.name
_chem_comp.formula
DA DNA linking 2'-DEOXYADENOSINE-5'-MONOPHOSPHATE 'C10 H14 N5 O6 P'
DC DNA linking 2'-DEOXYCYTIDINE-5'-MONOPHOSPHATE 'C9 H14 N3 O7 P'
DG DNA linking 2'-DEOXYGUANOSINE-5'-MONOPHOSPHATE 'C10 H14 N5 O7 P'
DT DNA linking THYMIDINE-5'-MONOPHOSPHATE 'C10 H15 N2 O8 P'
GOL non-polymer GLYCEROL 'C3 H8 O3'
USM DNA linking '2'-S-methyl-2'-thiouridine 5'-(dihydrogen phosphate)' 'C10 H15 N2 O8 P S'
#
# COMPACT_ATOMS: atom_id res chain seq x y z
N GLU A 8 17.22 8.55 7.13
CA GLU A 8 16.95 8.35 5.67
C GLU A 8 15.54 8.73 5.27
N ILE A 9 15.42 9.14 4.03
CA ILE A 9 14.18 9.64 3.47
C ILE A 9 13.25 8.52 2.99
N ILE A 10 11.98 8.55 3.38
CA ILE A 10 10.93 7.75 2.70
C ILE A 10 10.34 8.44 1.46
N TRP A 11 10.76 8.04 0.26
CA TRP A 11 10.29 8.65 -1.01
C TRP A 11 8.83 8.43 -1.42
N GLU A 12 8.21 7.27 -1.05
CA GLU A 12 6.77 7.12 -1.28
C GLU A 12 6.13 7.70 -0.06
N SER A 13 5.91 9.01 -0.16
CA SER A 13 5.34 9.78 0.96
C SER A 13 4.64 10.96 0.32
N LEU A 14 3.91 11.66 1.16
CA LEU A 14 3.22 12.89 0.79
C LEU A 14 4.05 14.01 1.46
N SER A 15 4.30 15.10 0.71
CA SER A 15 5.02 16.21 1.27
C SER A 15 3.97 17.33 1.25
N VAL A 16 3.82 18.01 2.40
CA VAL A 16 2.84 19.13 2.44
C VAL A 16 3.50 20.45 2.67
N ASP A 17 3.06 21.46 1.92
CA ASP A 17 3.72 22.76 2.12
C ASP A 17 2.76 23.91 2.12
N VAL A 18 3.15 24.99 2.77
CA VAL A 18 2.26 26.16 2.84
C VAL A 18 2.96 27.28 2.08
N GLY A 19 2.12 28.18 1.54
CA GLY A 19 2.66 29.36 0.84
C GLY A 19 1.99 30.59 1.48
N SER A 20 2.80 31.59 1.79
CA SER A 20 2.35 32.78 2.54
C SER A 20 2.65 34.08 1.79
N GLN A 21 1.66 35.00 1.56
CA GLN A 21 1.93 36.35 1.00
C GLN A 21 1.83 37.32 2.18
N GLY A 22 2.98 37.58 2.83
CA GLY A 22 2.94 38.25 4.13
C GLY A 22 2.34 37.33 5.21
N ASN A 23 2.68 37.54 6.48
CA ASN A 23 2.20 36.64 7.51
C ASN A 23 1.90 37.48 8.77
N PRO A 24 0.62 37.69 9.11
CA PRO A 24 -0.59 37.05 8.52
C PRO A 24 -0.89 37.64 7.16
N GLY A 25 -1.60 36.89 6.34
CA GLY A 25 -1.98 37.36 5.02
C GLY A 25 -2.51 36.19 4.19
N ILE A 26 -2.43 36.31 2.87
CA ILE A 26 -3.07 35.30 2.00
C ILE A 26 -2.26 33.98 2.18
N VAL A 27 -2.93 32.88 2.44
CA VAL A 27 -2.24 31.61 2.60
C VAL A 27 -2.89 30.58 1.70
N GLU A 28 -2.05 29.65 1.24
CA GLU A 28 -2.53 28.50 0.45
C GLU A 28 -1.68 27.29 0.88
N TYR A 29 -2.05 26.09 0.40
CA TYR A 29 -1.21 24.95 0.69
C TYR A 29 -1.47 23.92 -0.38
N LYS A 30 -0.63 22.90 -0.37
CA LYS A 30 -0.79 21.71 -1.25
C LYS A 30 -0.04 20.55 -0.70
N GLY A 31 -0.45 19.36 -1.24
CA GLY A 31 0.12 18.06 -0.91
C GLY A 31 0.65 17.56 -2.24
N VAL A 32 1.89 17.17 -2.27
CA VAL A 32 2.46 16.60 -3.48
C VAL A 32 3.05 15.21 -3.22
N ASP A 33 3.02 14.37 -4.25
CA ASP A 33 3.75 13.13 -4.18
C ASP A 33 5.23 13.54 -4.05
N THR A 34 5.87 13.12 -2.99
CA THR A 34 7.31 13.41 -2.68
C THR A 34 8.25 13.01 -3.84
N LYS A 35 7.95 11.91 -4.54
CA LYS A 35 8.72 11.50 -5.72
C LYS A 35 8.41 12.30 -7.05
N THR A 36 7.16 12.22 -7.57
CA THR A 36 6.84 12.82 -8.88
C THR A 36 6.78 14.35 -8.78
N GLY A 37 6.37 14.88 -7.63
CA GLY A 37 6.20 16.31 -7.54
C GLY A 37 4.78 16.57 -7.95
N GLU A 38 4.07 15.50 -8.27
CA GLU A 38 2.68 15.56 -8.68
C GLU A 38 1.78 16.07 -7.56
N VAL A 39 0.92 17.01 -7.92
CA VAL A 39 0.01 17.64 -7.01
C VAL A 39 -1.28 16.89 -6.79
N LEU A 40 -1.42 16.47 -5.54
CA LEU A 40 -2.43 15.48 -5.13
C LEU A 40 -3.62 16.21 -4.58
N PHE A 41 -3.33 17.38 -3.98
CA PHE A 41 -4.40 18.28 -3.55
C PHE A 41 -3.85 19.68 -3.37
N GLU A 42 -4.74 20.66 -3.44
CA GLU A 42 -4.33 22.08 -3.40
C GLU A 42 -5.50 22.88 -2.84
N ARG A 43 -5.18 23.82 -1.93
CA ARG A 43 -6.11 24.66 -1.35
C ARG A 43 -5.88 25.99 -2.02
N GLU A 44 -6.93 26.49 -2.61
CA GLU A 44 -6.83 27.88 -3.16
C GLU A 44 -6.63 28.93 -2.06
N PRO A 45 -6.04 30.07 -2.45
CA PRO A 45 -5.69 31.09 -1.47
C PRO A 45 -6.83 31.46 -0.51
N ILE A 46 -6.51 31.52 0.81
CA ILE A 46 -7.46 31.94 1.80
C ILE A 46 -7.02 33.39 2.12
N PRO A 47 -7.96 34.36 2.07
CA PRO A 47 -7.47 35.75 2.12
C PRO A 47 -6.68 36.13 3.36
N ILE A 48 -7.06 35.61 4.54
CA ILE A 48 -6.19 35.87 5.72
C ILE A 48 -5.94 34.61 6.56
N GLY A 49 -4.69 34.33 6.84
CA GLY A 49 -4.32 33.28 7.78
C GLY A 49 -2.83 33.44 8.18
N THR A 50 -2.24 32.51 8.92
CA THR A 50 -0.82 32.52 9.13
C THR A 50 -0.17 31.27 8.52
N ASN A 51 1.15 31.29 8.45
CA ASN A 51 1.99 30.17 7.97
C ASN A 51 1.63 28.91 8.79
N ASN A 52 1.58 29.10 10.09
CA ASN A 52 1.42 27.92 10.92
C ASN A 52 0.01 27.37 10.79
N MET A 53 -1.00 28.22 10.80
CA MET A 53 -2.38 27.76 10.53
C MET A 53 -2.50 26.97 9.22
N GLY A 54 -1.87 27.49 8.17
CA GLY A 54 -2.05 26.95 6.82
C GLY A 54 -1.34 25.60 6.79
N GLU A 55 -0.19 25.48 7.47
CA GLU A 55 0.55 24.24 7.48
C GLU A 55 -0.17 23.21 8.34
N PHE A 56 -0.79 23.68 9.41
CA PHE A 56 -1.63 22.74 10.24
C PHE A 56 -2.76 22.16 9.35
N LEU A 57 -3.47 23.00 8.65
CA LEU A 57 -4.54 22.54 7.76
C LEU A 57 -4.01 21.59 6.71
N ALA A 58 -2.82 21.88 6.19
CA ALA A 58 -2.24 21.10 5.10
C ALA A 58 -2.01 19.65 5.60
N ILE A 59 -1.41 19.53 6.78
CA ILE A 59 -1.11 18.18 7.33
C ILE A 59 -2.42 17.44 7.54
N VAL A 60 -3.40 18.08 8.20
CA VAL A 60 -4.68 17.37 8.47
C VAL A 60 -5.36 17.03 7.14
N HIS A 61 -5.30 17.91 6.15
CA HIS A 61 -5.95 17.54 4.86
C HIS A 61 -5.22 16.27 4.31
N GLY A 62 -3.92 16.22 4.44
CA GLY A 62 -3.09 15.12 4.02
C GLY A 62 -3.50 13.84 4.77
N LEU A 63 -3.71 13.97 6.08
CA LEU A 63 -4.17 12.79 6.86
C LEU A 63 -5.53 12.24 6.32
N ARG A 64 -6.46 13.13 6.03
CA ARG A 64 -7.80 12.83 5.50
C ARG A 64 -7.75 12.18 4.12
N TYR A 65 -6.94 12.79 3.26
CA TYR A 65 -6.69 12.32 1.89
C TYR A 65 -6.17 10.86 1.90
N LEU A 66 -5.16 10.59 2.71
CA LEU A 66 -4.57 9.26 2.83
C LEU A 66 -5.41 8.19 3.51
N LYS A 67 -6.01 8.56 4.62
CA LYS A 67 -7.04 7.73 5.23
C LYS A 67 -8.15 7.29 4.22
N GLU A 68 -8.62 8.23 3.40
CA GLU A 68 -9.71 7.99 2.44
C GLU A 68 -9.35 6.96 1.40
N ARG A 69 -8.07 6.90 1.12
CA ARG A 69 -7.52 6.19 0.00
C ARG A 69 -6.93 4.93 0.50
N ASN A 70 -7.04 4.65 1.82
CA ASN A 70 -6.38 3.45 2.41
C ASN A 70 -4.82 3.50 2.26
N SER A 71 -4.16 4.66 2.31
CA SER A 71 -2.70 4.71 2.06
C SER A 71 -1.93 4.59 3.35
N ARG A 72 -0.79 3.93 3.28
CA ARG A 72 0.05 3.82 4.43
C ARG A 72 1.27 4.76 4.25
N LYS A 73 1.24 5.56 3.18
CA LYS A 73 2.27 6.55 2.96
C LYS A 73 2.32 7.53 4.19
N PRO A 74 3.50 7.87 4.63
CA PRO A 74 3.70 8.95 5.63
C PRO A 74 3.64 10.35 5.02
N ILE A 75 3.54 11.36 5.90
CA ILE A 75 3.53 12.79 5.47
C ILE A 75 4.80 13.48 6.02
N TYR A 76 5.42 14.26 5.15
CA TYR A 76 6.57 15.08 5.57
C TYR A 76 6.10 16.55 5.58
N SER A 77 6.63 17.24 6.54
CA SER A 77 6.39 18.71 6.69
C SER A 77 7.68 19.26 7.22
N ASN A 78 8.00 20.53 6.83
CA ASN A 78 9.16 21.10 7.36
C ASN A 78 8.89 22.01 8.63
N SER A 79 7.69 21.91 9.22
CA SER A 79 7.27 22.82 10.32
C SER A 79 7.22 22.08 11.65
N GLN A 80 8.15 22.38 12.54
CA GLN A 80 8.12 21.87 13.92
C GLN A 80 6.79 22.27 14.53
N THR A 81 6.34 23.48 14.26
CA THR A 81 5.17 23.98 14.95
C THR A 81 3.92 23.18 14.48
N ALA A 82 3.72 23.09 13.19
CA ALA A 82 2.51 22.46 12.68
C ALA A 82 2.48 20.98 13.07
N ILE A 83 3.62 20.33 13.02
CA ILE A 83 3.68 18.88 13.43
C ILE A 83 3.27 18.81 14.92
N LYS A 84 3.81 19.68 15.74
CA LYS A 84 3.54 19.69 17.24
C LYS A 84 2.03 19.91 17.43
N TRP A 85 1.46 20.86 16.71
CA TRP A 85 0.01 21.16 16.87
C TRP A 85 -0.84 19.98 16.48
N VAL A 86 -0.44 19.26 15.42
CA VAL A 86 -1.26 18.08 14.93
C VAL A 86 -1.15 16.99 16.01
N LYS A 87 0.06 16.74 16.49
CA LYS A 87 0.27 15.76 17.62
C LYS A 87 -0.56 16.11 18.85
N ASP A 88 -0.60 17.39 19.24
CA ASP A 88 -1.43 17.88 20.40
C ASP A 88 -2.92 18.03 20.11
N LYS A 89 -3.31 17.89 18.83
CA LYS A 89 -4.72 18.14 18.41
C LYS A 89 -5.21 19.56 18.73
N LYS A 90 -4.27 20.49 18.77
CA LYS A 90 -4.64 21.82 19.08
C LYS A 90 -3.70 22.81 18.40
N ALA A 91 -4.31 23.70 17.62
CA ALA A 91 -3.55 24.76 16.94
C ALA A 91 -3.47 25.97 17.85
N LYS A 92 -2.28 26.17 18.44
CA LYS A 92 -2.05 27.26 19.40
C LYS A 92 -1.68 28.55 18.72
N SER A 93 -2.55 29.00 17.81
CA SER A 93 -2.31 30.27 17.06
C SER A 93 -2.67 31.54 17.85
N THR A 94 -1.92 32.60 17.60
CA THR A 94 -2.17 33.91 18.19
C THR A 94 -3.09 34.73 17.35
N LEU A 95 -3.47 34.21 16.17
CA LEU A 95 -4.20 35.00 15.22
C LEU A 95 -5.52 35.42 15.86
N VAL A 96 -5.80 36.71 15.89
CA VAL A 96 -7.08 37.23 16.49
C VAL A 96 -8.27 36.56 15.78
N ARG A 97 -9.34 36.34 16.55
CA ARG A 97 -10.60 35.90 16.01
C ARG A 97 -11.45 37.11 15.70
N ASN A 98 -11.60 37.52 14.45
CA ASN A 98 -12.62 38.56 14.07
C ASN A 98 -13.29 38.17 12.79
N GLU A 99 -14.02 39.09 12.19
CA GLU A 99 -14.66 38.89 10.88
C GLU A 99 -13.72 38.40 9.73
N GLU A 100 -12.56 39.09 9.56
CA GLU A 100 -11.62 38.82 8.47
C GLU A 100 -10.94 37.45 8.65
N THR A 101 -10.81 36.97 9.89
CA THR A 101 -10.11 35.68 10.13
C THR A 101 -11.12 34.56 10.44
N ALA A 102 -12.42 34.85 10.32
CA ALA A 102 -13.40 33.78 10.68
C ALA A 102 -13.23 32.53 9.76
N LEU A 103 -12.92 32.64 8.47
CA LEU A 103 -12.82 31.42 7.63
C LEU A 103 -11.67 30.57 8.07
N ILE A 104 -10.48 31.18 8.19
CA ILE A 104 -9.34 30.31 8.61
C ILE A 104 -9.58 29.67 9.99
N TRP A 105 -10.19 30.39 10.95
CA TRP A 105 -10.44 29.79 12.25
C TRP A 105 -11.52 28.71 12.20
N LYS A 106 -12.53 28.88 11.35
N LYS A 106 -12.51 28.86 11.32
CA LYS A 106 -13.54 27.80 11.19
CA LYS A 106 -13.55 27.78 11.18
C LYS A 106 -12.83 26.55 10.70
C LYS A 106 -12.85 26.53 10.67
N LEU A 107 -12.03 26.70 9.63
CA LEU A 107 -11.27 25.55 9.14
C LEU A 107 -10.36 24.91 10.22
N VAL A 108 -9.64 25.73 10.99
CA VAL A 108 -8.77 25.17 12.00
C VAL A 108 -9.55 24.44 13.07
N ASP A 109 -10.60 25.10 13.54
CA ASP A 109 -11.51 24.47 14.53
C ASP A 109 -12.00 23.07 14.02
N GLU A 110 -12.44 23.02 12.77
CA GLU A 110 -12.94 21.75 12.20
C GLU A 110 -11.81 20.72 12.01
N ALA A 111 -10.60 21.19 11.69
CA ALA A 111 -9.48 20.22 11.56
C ALA A 111 -9.16 19.64 12.96
N GLU A 112 -9.18 20.48 14.00
CA GLU A 112 -9.00 19.97 15.41
C GLU A 112 -10.10 18.93 15.73
N GLU A 113 -11.37 19.29 15.42
CA GLU A 113 -12.47 18.35 15.65
C GLU A 113 -12.22 17.02 14.92
N TRP A 114 -11.73 17.06 13.71
CA TRP A 114 -11.39 15.84 13.01
C TRP A 114 -10.32 14.98 13.75
N LEU A 115 -9.26 15.63 14.22
CA LEU A 115 -8.16 14.96 14.92
C LEU A 115 -8.70 14.34 16.23
N ASN A 116 -9.63 15.01 16.86
CA ASN A 116 -10.19 14.50 18.14
C ASN A 116 -11.17 13.35 17.97
N THR A 117 -11.69 13.12 16.76
CA THR A 117 -12.75 12.14 16.55
C THR A 117 -12.35 11.04 15.58
N HIS A 118 -11.08 11.03 15.20
CA HIS A 118 -10.55 10.09 14.25
C HIS A 118 -9.23 9.52 14.71
N THR A 119 -8.96 8.26 14.29
CA THR A 119 -7.65 7.61 14.44
C THR A 119 -6.99 7.56 13.06
N TYR A 120 -5.67 7.50 13.05
CA TYR A 120 -4.97 7.38 11.82
C TYR A 120 -3.65 6.75 12.10
N GLU A 121 -3.06 6.13 11.08
CA GLU A 121 -1.80 5.46 11.26
C GLU A 121 -0.64 6.22 10.57
N THR A 122 -0.97 7.19 9.77
CA THR A 122 0.07 7.93 9.05
C THR A 122 1.14 8.57 9.98
N PRO A 123 2.42 8.27 9.71
CA PRO A 123 3.50 8.87 10.51
C PRO A 123 3.66 10.27 9.98
N ILE A 124 3.83 11.22 10.87
CA ILE A 124 4.10 12.62 10.49
C ILE A 124 5.54 12.92 10.76
N LEU A 125 6.32 13.13 9.69
CA LEU A 125 7.74 13.22 9.85
C LEU A 125 8.25 14.58 9.47
N LYS A 126 9.27 15.03 10.21
CA LYS A 126 9.96 16.29 10.00
C LYS A 126 10.84 16.21 8.70
N TRP A 127 10.58 17.06 7.72
CA TRP A 127 11.51 17.18 6.57
C TRP A 127 12.78 17.96 7.01
N GLN A 128 14.01 17.43 6.76
CA GLN A 128 15.23 18.03 7.30
C GLN A 128 15.85 18.81 6.10
N THR A 129 15.41 20.06 5.99
CA THR A 129 15.76 20.88 4.88
C THR A 129 17.27 21.04 4.75
N ASP A 130 17.94 21.15 5.89
CA ASP A 130 19.38 21.44 5.91
C ASP A 130 20.21 20.31 5.37
N LYS A 131 19.66 19.10 5.43
CA LYS A 131 20.31 17.90 4.82
C LYS A 131 19.70 17.47 3.46
N TRP A 132 18.40 17.69 3.27
CA TRP A 132 17.73 17.18 2.10
C TRP A 132 17.29 18.13 1.04
N GLY A 133 17.66 19.40 1.24
CA GLY A 133 17.11 20.47 0.43
C GLY A 133 15.69 20.81 0.74
N GLU A 134 15.08 21.64 -0.12
CA GLU A 134 13.77 22.18 0.18
C GLU A 134 12.73 21.07 0.06
N ILE A 135 11.72 21.12 0.93
CA ILE A 135 10.57 20.30 0.76
C ILE A 135 10.07 20.29 -0.68
N LYS A 136 9.69 19.12 -1.18
CA LYS A 136 9.18 19.01 -2.56
C LYS A 136 8.12 20.03 -2.94
N ALA A 137 8.44 20.72 -4.04
CA ALA A 137 7.60 21.78 -4.62
C ALA A 137 7.42 23.02 -3.69
N ASP A 138 8.39 23.31 -2.81
CA ASP A 138 8.28 24.46 -1.79
C ASP A 138 7.78 25.63 -2.57
N TYR A 139 6.76 26.31 -2.09
CA TYR A 139 6.27 27.53 -2.74
C TYR A 139 7.36 28.63 -2.72
N GLY A 140 7.30 29.60 -3.61
CA GLY A 140 6.25 29.73 -4.68
OP2 USM B 7 14.38 41.11 22.67
P USM B 7 15.40 40.90 23.79
OP1 USM B 7 15.94 42.04 24.54
O5' USM B 7 16.69 40.05 23.17
N1 USM B 7 14.73 35.42 22.52
C6 USM B 7 13.75 36.39 22.35
C2 USM B 7 14.40 34.06 22.40
O2 USM B 7 15.23 33.18 22.55
N3 USM B 7 13.06 33.73 22.11
C4 USM B 7 12.10 34.70 21.93
O4 USM B 7 10.93 34.37 21.72
C5 USM B 7 12.43 36.05 22.04
C2' USM B 7 17.29 35.52 21.97
S2' USM B 7 18.79 35.06 22.96
C2A USM B 7 18.47 33.38 23.57
C5' USM B 7 16.53 39.13 22.06
C4' USM B 7 17.09 37.80 22.45
O4' USM B 7 16.05 37.15 23.26
C1' USM B 7 16.11 35.74 22.93
C3' USM B 7 17.30 36.89 21.27
O3' USM B 7 18.62 37.20 20.74
N GLU C 8 18.43 -32.78 -7.39
CA GLU C 8 17.77 -33.42 -8.56
C GLU C 8 16.29 -32.99 -8.68
N ILE C 9 15.87 -32.85 -9.91
CA ILE C 9 14.63 -32.23 -10.21
C ILE C 9 13.68 -33.33 -10.65
N ILE C 10 12.43 -33.28 -10.15
CA ILE C 10 11.36 -34.09 -10.79
C ILE C 10 10.79 -33.42 -11.97
N TRP C 11 11.23 -33.79 -13.16
CA TRP C 11 10.78 -33.16 -14.39
C TRP C 11 9.32 -33.33 -14.68
N GLU C 12 8.75 -34.46 -14.24
CA GLU C 12 7.35 -34.78 -14.51
CA GLU C 12 7.35 -34.78 -14.51
C GLU C 12 6.60 -34.17 -13.34
N SER C 13 6.36 -32.86 -13.44
CA SER C 13 5.82 -32.11 -12.27
C SER C 13 5.19 -30.84 -12.90
N LEU C 14 4.43 -30.20 -12.04
CA LEU C 14 3.81 -28.91 -12.31
C LEU C 14 4.62 -27.79 -11.61
N SER C 15 4.88 -26.70 -12.34
CA SER C 15 5.50 -25.55 -11.73
C SER C 15 4.50 -24.43 -11.70
N VAL C 16 4.34 -23.77 -10.54
CA VAL C 16 3.37 -22.63 -10.52
C VAL C 16 4.12 -21.34 -10.26
N ASP C 17 3.62 -20.28 -10.86
CA ASP C 17 4.28 -18.95 -10.66
C ASP C 17 3.25 -17.84 -10.63
N VAL C 18 3.65 -16.77 -9.97
CA VAL C 18 2.78 -15.62 -9.87
C VAL C 18 3.46 -14.52 -10.65
N GLY C 19 2.60 -13.65 -11.19
CA GLY C 19 3.13 -12.44 -11.86
C GLY C 19 2.47 -11.26 -11.15
N SER C 20 3.35 -10.30 -10.87
CA SER C 20 3.07 -9.16 -10.02
C SER C 20 4.16 -8.14 -10.50
N GLN C 21 3.77 -6.93 -10.74
CA GLN C 21 4.83 -5.91 -10.79
C GLN C 21 4.62 -5.13 -9.51
N GLY C 22 3.67 -4.19 -9.56
CA GLY C 22 3.27 -3.44 -8.37
C GLY C 22 2.63 -4.38 -7.37
N ASN C 23 3.09 -4.31 -6.12
CA ASN C 23 2.71 -5.19 -5.02
C ASN C 23 2.55 -4.40 -3.68
N PRO C 24 1.28 -4.18 -3.19
CA PRO C 24 0.09 -4.76 -3.82
C PRO C 24 -0.26 -4.11 -5.15
N GLY C 25 -1.04 -4.83 -5.92
CA GLY C 25 -1.31 -4.49 -7.29
C GLY C 25 -1.88 -5.66 -8.11
N ILE C 26 -1.78 -5.56 -9.44
CA ILE C 26 -2.46 -6.50 -10.34
C ILE C 26 -1.69 -7.79 -10.19
N VAL C 27 -2.39 -8.89 -10.01
CA VAL C 27 -1.73 -10.18 -9.76
C VAL C 27 -2.30 -11.21 -10.74
N GLU C 28 -1.46 -12.12 -11.25
CA GLU C 28 -2.00 -13.20 -12.11
C GLU C 28 -1.16 -14.43 -11.74
N TYR C 29 -1.57 -15.60 -12.22
CA TYR C 29 -0.67 -16.77 -11.99
C TYR C 29 -0.93 -17.82 -13.03
N LYS C 30 -0.06 -18.81 -13.10
CA LYS C 30 -0.24 -19.92 -14.07
C LYS C 30 0.47 -21.15 -13.53
N GLY C 31 0.08 -22.30 -14.10
CA GLY C 31 0.73 -23.60 -13.75
C GLY C 31 1.14 -24.17 -15.08
N VAL C 32 2.40 -24.58 -15.12
CA VAL C 32 2.95 -25.11 -16.37
C VAL C 32 3.56 -26.49 -16.14
N ASP C 33 3.67 -27.24 -17.27
CA ASP C 33 4.33 -28.54 -17.22
C ASP C 33 5.85 -28.23 -17.12
N THR C 34 6.50 -28.64 -16.01
CA THR C 34 7.93 -28.35 -15.76
C THR C 34 8.83 -28.76 -16.94
N LYS C 35 8.50 -29.87 -17.58
CA LYS C 35 9.33 -30.43 -18.68
C LYS C 35 9.21 -29.65 -20.00
N THR C 36 7.96 -29.45 -20.33
CA THR C 36 7.40 -29.00 -21.59
C THR C 36 7.14 -27.48 -21.66
N GLY C 37 6.85 -26.84 -20.51
CA GLY C 37 6.43 -25.46 -20.50
C GLY C 37 4.99 -25.26 -20.90
N GLU C 38 4.28 -26.35 -21.22
CA GLU C 38 2.88 -26.28 -21.64
C GLU C 38 2.11 -25.62 -20.51
N VAL C 39 1.31 -24.60 -20.85
CA VAL C 39 0.46 -23.91 -19.85
C VAL C 39 -0.75 -24.75 -19.57
N LEU C 40 -0.86 -25.15 -18.31
CA LEU C 40 -1.90 -26.09 -17.92
C LEU C 40 -3.12 -25.41 -17.35
N PHE C 41 -2.90 -24.23 -16.74
CA PHE C 41 -3.97 -23.39 -16.27
C PHE C 41 -3.40 -21.99 -16.10
N GLU C 42 -4.27 -20.99 -16.12
CA GLU C 42 -3.82 -19.59 -16.07
C GLU C 42 -4.96 -18.75 -15.52
N ARG C 43 -4.66 -17.87 -14.59
CA ARG C 43 -5.64 -16.95 -14.04
C ARG C 43 -5.33 -15.60 -14.59
N GLU C 44 -6.36 -15.07 -15.21
CA GLU C 44 -6.30 -13.65 -15.65
C GLU C 44 -6.05 -12.64 -14.52
N PRO C 45 -5.57 -11.43 -14.85
CA PRO C 45 -5.19 -10.50 -13.80
C PRO C 45 -6.34 -10.14 -12.84
N ILE C 46 -6.05 -10.20 -11.54
CA ILE C 46 -6.90 -9.74 -10.45
C ILE C 46 -6.41 -8.32 -10.13
N PRO C 47 -7.30 -7.35 -10.28
CA PRO C 47 -6.83 -5.97 -10.16
C PRO C 47 -5.95 -5.59 -8.93
N ILE C 48 -6.32 -6.13 -7.76
CA ILE C 48 -5.61 -5.90 -6.50
C ILE C 48 -5.33 -7.24 -5.71
N GLY C 49 -4.04 -7.61 -5.57
CA GLY C 49 -3.60 -8.69 -4.67
C GLY C 49 -2.16 -8.43 -4.22
N THR C 50 -1.58 -9.38 -3.50
CA THR C 50 -0.18 -9.41 -3.26
C THR C 50 0.44 -10.56 -4.05
N ASN C 51 1.75 -10.48 -4.17
CA ASN C 51 2.55 -11.62 -4.69
C ASN C 51 2.29 -12.93 -3.92
N ASN C 52 2.29 -12.82 -2.58
CA ASN C 52 2.17 -14.01 -1.78
C ASN C 52 0.71 -14.60 -1.85
N MET C 53 -0.31 -13.75 -1.83
CA MET C 53 -1.68 -14.24 -2.04
C MET C 53 -1.83 -14.93 -3.40
N GLY C 54 -1.27 -14.32 -4.44
CA GLY C 54 -1.43 -14.86 -5.80
C GLY C 54 -0.67 -16.23 -5.87
N GLU C 55 0.52 -16.38 -5.24
CA GLU C 55 1.23 -17.61 -5.30
C GLU C 55 0.51 -18.67 -4.43
N PHE C 56 -0.09 -18.25 -3.30
CA PHE C 56 -0.89 -19.20 -2.52
C PHE C 56 -2.01 -19.74 -3.38
N LEU C 57 -2.73 -18.84 -4.07
CA LEU C 57 -3.81 -19.29 -4.92
C LEU C 57 -3.28 -20.25 -6.01
N ALA C 58 -2.12 -19.95 -6.59
CA ALA C 58 -1.60 -20.77 -7.67
C ALA C 58 -1.31 -22.19 -7.18
N ILE C 59 -0.70 -22.31 -6.00
CA ILE C 59 -0.43 -23.68 -5.47
C ILE C 59 -1.78 -24.42 -5.24
N VAL C 60 -2.74 -23.74 -4.60
CA VAL C 60 -3.96 -24.46 -4.27
C VAL C 60 -4.69 -24.81 -5.58
N HIS C 61 -4.69 -23.91 -6.59
CA HIS C 61 -5.29 -24.28 -7.86
C HIS C 61 -4.55 -25.53 -8.41
N GLY C 62 -3.24 -25.58 -8.27
CA GLY C 62 -2.45 -26.69 -8.78
C GLY C 62 -2.86 -27.98 -8.06
N LEU C 63 -3.09 -27.88 -6.77
CA LEU C 63 -3.51 -29.09 -5.99
C LEU C 63 -4.86 -29.56 -6.50
N ARG C 64 -5.76 -28.63 -6.73
CA ARG C 64 -7.09 -28.99 -7.27
C ARG C 64 -7.01 -29.62 -8.65
N TYR C 65 -6.18 -29.05 -9.57
CA TYR C 65 -6.03 -29.47 -10.92
C TYR C 65 -5.46 -30.90 -10.92
N LEU C 66 -4.51 -31.18 -10.02
CA LEU C 66 -3.86 -32.49 -9.98
C LEU C 66 -4.78 -33.50 -9.35
N LYS C 67 -5.47 -33.14 -8.28
CA LYS C 67 -6.41 -34.09 -7.67
C LYS C 67 -7.49 -34.48 -8.70
N GLU C 68 -8.04 -33.52 -9.45
CA GLU C 68 -9.11 -33.82 -10.43
C GLU C 68 -8.71 -34.85 -11.46
N ARG C 69 -7.41 -34.90 -11.75
CA ARG C 69 -6.85 -35.80 -12.69
C ARG C 69 -6.17 -36.98 -12.03
N ASN C 70 -6.34 -37.20 -10.74
CA ASN C 70 -5.65 -38.30 -9.97
C ASN C 70 -4.16 -38.43 -10.31
N SER C 71 -3.52 -37.28 -10.50
CA SER C 71 -2.10 -37.20 -10.85
C SER C 71 -1.27 -37.30 -9.61
N ARG C 72 -0.14 -38.01 -9.69
CA ARG C 72 0.81 -38.16 -8.60
C ARG C 72 1.98 -37.20 -8.78
N LYS C 73 1.88 -36.32 -9.76
CA LYS C 73 3.01 -35.35 -9.91
C LYS C 73 3.13 -34.36 -8.73
N PRO C 74 4.35 -33.90 -8.39
CA PRO C 74 4.49 -32.90 -7.33
C PRO C 74 4.30 -31.49 -7.98
N ILE C 75 4.20 -30.52 -7.11
CA ILE C 75 4.21 -29.11 -7.52
C ILE C 75 5.45 -28.43 -7.02
N TYR C 76 6.02 -27.58 -7.92
CA TYR C 76 7.19 -26.77 -7.54
C TYR C 76 6.72 -25.27 -7.43
N SER C 77 7.22 -24.59 -6.45
CA SER C 77 7.07 -23.13 -6.28
C SER C 77 8.35 -22.61 -5.76
N ASN C 78 8.71 -21.36 -6.12
CA ASN C 78 9.92 -20.83 -5.61
C ASN C 78 9.61 -19.89 -4.39
N SER C 79 8.42 -20.02 -3.77
CA SER C 79 8.03 -19.11 -2.66
C SER C 79 8.01 -19.82 -1.32
N GLN C 80 9.00 -19.53 -0.45
CA GLN C 80 9.00 -20.13 0.89
C GLN C 80 7.71 -19.79 1.55
N THR C 81 7.24 -18.57 1.32
CA THR C 81 6.02 -18.07 2.07
C THR C 81 4.78 -18.85 1.62
N ALA C 82 4.53 -18.79 0.31
CA ALA C 82 3.34 -19.52 -0.19
C ALA C 82 3.34 -21.01 0.21
N ILE C 83 4.49 -21.68 0.14
CA ILE C 83 4.55 -23.15 0.48
C ILE C 83 4.17 -23.24 1.96
N LYS C 84 4.71 -22.33 2.78
CA LYS C 84 4.49 -22.41 4.30
C LYS C 84 2.98 -22.20 4.55
N TRP C 85 2.40 -21.20 3.89
CA TRP C 85 0.90 -20.95 4.00
C TRP C 85 0.04 -22.14 3.60
N VAL C 86 0.43 -22.80 2.52
CA VAL C 86 -0.30 -24.02 2.08
C VAL C 86 -0.16 -25.09 3.16
N LYS C 87 1.07 -25.40 3.58
CA LYS C 87 1.32 -26.45 4.63
C LYS C 87 0.56 -26.14 5.92
N ASP C 88 0.44 -24.87 6.32
CA ASP C 88 -0.29 -24.42 7.55
C ASP C 88 -1.80 -24.32 7.31
N LYS C 89 -2.19 -24.36 6.04
CA LYS C 89 -3.57 -24.11 5.65
C LYS C 89 -4.09 -22.73 6.11
N LYS C 90 -3.20 -21.71 6.14
CA LYS C 90 -3.59 -20.41 6.56
C LYS C 90 -2.66 -19.50 5.91
N ALA C 91 -3.27 -18.57 5.20
CA ALA C 91 -2.63 -17.47 4.48
C ALA C 91 -2.49 -16.27 5.37
N LYS C 92 -1.30 -16.10 5.97
CA LYS C 92 -1.10 -15.08 7.00
C LYS C 92 -0.67 -13.83 6.30
N SER C 93 -1.55 -13.35 5.45
CA SER C 93 -1.38 -12.09 4.76
C SER C 93 -1.70 -10.88 5.62
N THR C 94 -0.79 -9.94 5.56
CA THR C 94 -0.97 -8.68 6.27
C THR C 94 -1.86 -7.79 5.39
N LEU C 95 -2.34 -8.31 4.25
CA LEU C 95 -3.12 -7.38 3.36
C LEU C 95 -4.48 -6.96 4.02
N VAL C 96 -4.85 -5.67 3.96
CA VAL C 96 -6.09 -5.12 4.61
C VAL C 96 -7.36 -5.65 3.90
N ARG C 97 -8.33 -6.07 4.74
CA ARG C 97 -9.64 -6.54 4.26
C ARG C 97 -10.48 -5.29 4.11
N ASN C 98 -10.54 -4.78 2.91
CA ASN C 98 -11.54 -3.76 2.63
C ASN C 98 -12.25 -4.09 1.32
N GLU C 99 -12.96 -3.16 0.68
CA GLU C 99 -13.75 -3.57 -0.49
C GLU C 99 -12.88 -3.77 -1.69
N GLU C 100 -11.70 -3.13 -1.66
CA GLU C 100 -10.85 -3.08 -2.83
C GLU C 100 -10.23 -4.47 -2.98
N THR C 101 -10.04 -5.10 -1.85
CA THR C 101 -9.25 -6.32 -1.79
C THR C 101 -10.27 -7.49 -1.58
N ALA C 102 -11.59 -7.20 -1.62
CA ALA C 102 -12.60 -8.22 -1.33
C ALA C 102 -12.46 -9.44 -2.27
N LEU C 103 -12.18 -9.26 -3.58
CA LEU C 103 -12.15 -10.40 -4.56
C LEU C 103 -10.98 -11.29 -4.16
N ILE C 104 -9.77 -10.73 -3.95
CA ILE C 104 -8.63 -11.66 -3.65
C ILE C 104 -8.81 -12.33 -2.27
N TRP C 105 -9.36 -11.60 -1.30
CA TRP C 105 -9.58 -12.21 0.00
C TRP C 105 -10.64 -13.36 -0.09
N LYS C 106 -11.71 -13.12 -0.88
CA LYS C 106 -12.74 -14.19 -1.06
C LYS C 106 -12.02 -15.38 -1.69
N LEU C 107 -11.21 -15.17 -2.74
CA LEU C 107 -10.50 -16.37 -3.29
C LEU C 107 -9.54 -17.06 -2.31
N VAL C 108 -8.81 -16.27 -1.52
CA VAL C 108 -7.94 -16.83 -0.52
C VAL C 108 -8.71 -17.59 0.56
N ASP C 109 -9.77 -16.96 1.09
CA ASP C 109 -10.60 -17.61 2.11
C ASP C 109 -11.13 -18.99 1.60
N GLU C 110 -11.59 -19.02 0.34
CA GLU C 110 -12.12 -20.28 -0.25
C GLU C 110 -11.01 -21.25 -0.48
N ALA C 111 -9.82 -20.75 -0.82
CA ALA C 111 -8.70 -21.75 -1.03
C ALA C 111 -8.26 -22.36 0.32
N GLU C 112 -8.21 -21.55 1.37
CA GLU C 112 -8.02 -22.10 2.76
C GLU C 112 -9.10 -23.16 3.09
N GLU C 113 -10.35 -22.83 2.78
CA GLU C 113 -11.46 -23.77 3.06
C GLU C 113 -11.29 -25.07 2.30
N TRP C 114 -10.86 -24.97 1.04
CA TRP C 114 -10.56 -26.16 0.27
C TRP C 114 -9.50 -27.00 0.98
N LEU C 115 -8.41 -26.38 1.41
CA LEU C 115 -7.32 -27.15 2.05
C LEU C 115 -7.82 -27.83 3.32
N ASN C 116 -8.67 -27.12 4.07
CA ASN C 116 -9.19 -27.69 5.36
C ASN C 116 -10.23 -28.76 5.16
N THR C 117 -10.72 -28.94 3.92
CA THR C 117 -11.79 -29.94 3.65
C THR C 117 -11.43 -31.05 2.72
N HIS C 118 -10.18 -31.05 2.27
CA HIS C 118 -9.79 -32.04 1.29
C HIS C 118 -8.47 -32.59 1.70
N THR C 119 -8.21 -33.85 1.32
CA THR C 119 -6.88 -34.43 1.53
C THR C 119 -6.19 -34.52 0.20
N TYR C 120 -4.87 -34.45 0.25
CA TYR C 120 -4.11 -34.57 -0.98
C TYR C 120 -2.76 -35.19 -0.67
N GLU C 121 -2.15 -35.87 -1.66
CA GLU C 121 -0.87 -36.52 -1.48
C GLU C 121 0.26 -35.72 -2.17
N THR C 122 -0.12 -34.71 -2.94
CA THR C 122 0.86 -33.99 -3.79
C THR C 122 1.98 -33.35 -2.94
N PRO C 123 3.26 -33.72 -3.19
CA PRO C 123 4.35 -33.04 -2.48
C PRO C 123 4.44 -31.61 -3.07
N ILE C 124 4.66 -30.66 -2.21
CA ILE C 124 4.84 -29.25 -2.58
C ILE C 124 6.28 -28.95 -2.30
N LEU C 125 7.06 -28.83 -3.40
CA LEU C 125 8.56 -28.80 -3.32
C LEU C 125 9.06 -27.39 -3.63
N LYS C 126 10.09 -26.94 -2.92
CA LYS C 126 10.76 -25.70 -3.18
C LYS C 126 11.58 -25.77 -4.50
N TRP C 127 11.30 -24.84 -5.42
CA TRP C 127 12.13 -24.75 -6.64
C TRP C 127 13.41 -23.96 -6.20
N GLN C 128 14.61 -24.55 -6.45
CA GLN C 128 15.88 -23.89 -6.01
C GLN C 128 16.48 -23.01 -7.12
N THR C 129 16.09 -21.76 -7.14
CA THR C 129 16.40 -20.89 -8.30
C THR C 129 17.92 -20.74 -8.45
N ASP C 130 18.62 -20.72 -7.30
CA ASP C 130 20.08 -20.42 -7.30
C ASP C 130 20.88 -21.54 -7.96
N LYS C 131 20.33 -22.74 -7.94
CA LYS C 131 20.93 -23.89 -8.66
C LYS C 131 20.31 -24.25 -9.97
N TRP C 132 18.99 -24.02 -10.12
CA TRP C 132 18.27 -24.62 -11.23
C TRP C 132 17.80 -23.64 -12.25
N GLY C 133 18.16 -22.37 -12.02
CA GLY C 133 17.63 -21.30 -12.86
C GLY C 133 16.20 -20.92 -12.48
N GLU C 134 15.60 -20.08 -13.32
CA GLU C 134 14.25 -19.48 -13.06
C GLU C 134 13.26 -20.64 -13.12
N ILE C 135 12.23 -20.57 -12.27
CA ILE C 135 11.16 -21.51 -12.41
C ILE C 135 10.60 -21.45 -13.80
N LYS C 136 10.15 -22.58 -14.29
CA LYS C 136 9.67 -22.67 -15.63
C LYS C 136 8.53 -21.71 -15.94
N ALA C 137 8.78 -20.98 -17.03
CA ALA C 137 7.93 -19.92 -17.55
C ALA C 137 7.73 -18.69 -16.59
N ASP C 138 8.71 -18.47 -15.70
CA ASP C 138 8.65 -17.32 -14.70
C ASP C 138 8.20 -16.08 -15.49
N TYR C 139 7.22 -15.35 -14.96
CA TYR C 139 6.76 -14.15 -15.60
C TYR C 139 7.86 -13.05 -15.61
N GLY C 140 8.79 -13.05 -14.63
CA GLY C 140 9.89 -12.00 -14.54
OP2 USM D 7 15.00 -0.71 9.93
P USM D 7 16.29 -0.88 10.73
OP1 USM D 7 16.96 0.34 11.29
O5' USM D 7 17.37 -1.73 9.90
N1 USM D 7 15.57 -6.52 9.65
C6 USM D 7 14.60 -5.53 9.45
C2 USM D 7 15.28 -7.92 9.63
O2 USM D 7 16.11 -8.83 9.84
N3 USM D 7 13.91 -8.27 9.43
C4 USM D 7 12.95 -7.26 9.20
O4 USM D 7 11.76 -7.57 9.03
C5 USM D 7 13.28 -5.90 9.21
C2' USM D 7 18.04 -6.24 8.93
S2' USM D 7 19.54 -6.53 9.93
C2A USM D 7 19.38 -8.24 10.42
C5' USM D 7 16.95 -2.87 9.16
C4' USM D 7 17.83 -3.99 9.53
O4' USM D 7 16.94 -4.71 10.36
C1' USM D 7 16.97 -6.10 9.97
C3' USM D 7 18.01 -4.86 8.31
O3' USM D 7 19.29 -4.54 7.78
C1 GOL E . -15.21 29.92 14.54
O1 GOL E . -14.87 28.60 14.11
C2 GOL E . -14.38 30.86 13.66
O2 GOL E . -14.92 30.99 12.37
C3 GOL E . -14.27 32.29 14.19
O3 GOL E . -13.40 32.29 15.30
C1 GOL F . -7.77 -22.07 -5.31
O1 GOL F . -8.99 -22.47 -4.53
C2 GOL F . -8.03 -21.22 -6.56
O2 GOL F . -8.56 -19.85 -6.35
C3 GOL F . -9.11 -21.86 -7.43
O3 GOL F . -8.65 -23.11 -7.90
#